data_7F5M
#
_entry.id   7F5M
#
_cell.length_a   126.578
_cell.length_b   126.578
_cell.length_c   48.708
_cell.angle_alpha   90.000
_cell.angle_beta   90.000
_cell.angle_gamma   120.000
#
_symmetry.space_group_name_H-M   'P 32 2 1'
#
loop_
_entity.id
_entity.type
_entity.pdbx_description
1 polymer 'Something about silencing protein 5'
2 polymer LYS-GLN-LEU-ALA-SER-LYS-ALA-ALA-ARG-LBZ-SER-ALA-PRO-SER-THR-GLY-GLY-VAL-LYS-TYR
3 non-polymer GLYCEROL
4 water water
#
loop_
_entity_poly.entity_id
_entity_poly.type
_entity_poly.pdbx_seq_one_letter_code
_entity_poly.pdbx_strand_id
1 'polypeptide(L)'
;SDHSIEVTFRVKTQQVIIPEQNIRGNELPLRRWQMELLMLDATGKEVEPTILSKCIYHLHSSFKQPKRRLNSLPFFIKET
GWGEFNLKIECFFIGNAGKFSIEHDLTFEDDAYAVDYTVDVPHEFSHLNSELSKYFDLP
;
A,B
2 'polypeptide(L)' KQLASKAAR(LBZ)SAPSTGGVKY C
#
# COMPACT_ATOMS: atom_id res chain seq x y z
N SER A 1 -17.46 -9.25 -5.64
CA SER A 1 -18.42 -9.93 -4.78
C SER A 1 -19.85 -9.68 -5.24
N ASP A 2 -20.70 -10.70 -5.10
CA ASP A 2 -22.13 -10.51 -5.33
C ASP A 2 -22.78 -9.68 -4.24
N HIS A 3 -22.03 -9.35 -3.18
CA HIS A 3 -22.48 -8.44 -2.14
C HIS A 3 -21.87 -7.05 -2.28
N SER A 4 -21.22 -6.79 -3.41
CA SER A 4 -20.61 -5.49 -3.68
C SER A 4 -20.78 -5.16 -5.16
N ILE A 5 -20.57 -3.89 -5.49
CA ILE A 5 -20.58 -3.44 -6.87
C ILE A 5 -19.25 -2.72 -7.14
N GLU A 6 -18.88 -2.70 -8.42
CA GLU A 6 -17.66 -2.01 -8.83
C GLU A 6 -17.94 -0.52 -9.01
N VAL A 7 -17.11 0.30 -8.38
CA VAL A 7 -17.20 1.76 -8.51
C VAL A 7 -15.82 2.27 -8.88
N THR A 8 -15.77 3.18 -9.87
CA THR A 8 -14.52 3.76 -10.32
C THR A 8 -14.31 5.11 -9.63
N PHE A 9 -13.18 5.26 -8.96
CA PHE A 9 -12.75 6.51 -8.38
C PHE A 9 -11.64 7.11 -9.25
N ARG A 10 -11.59 8.43 -9.30
CA ARG A 10 -10.64 9.15 -10.14
C ARG A 10 -9.78 10.07 -9.29
N VAL A 11 -8.47 9.97 -9.46
CA VAL A 11 -7.53 10.89 -8.86
C VAL A 11 -7.10 11.89 -9.93
N LYS A 12 -7.39 13.16 -9.70
CA LYS A 12 -7.04 14.23 -10.63
C LYS A 12 -5.83 14.99 -10.07
N THR A 13 -4.72 14.94 -10.79
CA THR A 13 -3.46 15.50 -10.34
C THR A 13 -3.05 16.67 -11.23
N GLN A 14 -2.48 17.69 -10.61
CA GLN A 14 -1.94 18.85 -11.33
C GLN A 14 -0.61 19.22 -10.69
N GLN A 15 0.26 19.84 -11.48
CA GLN A 15 1.54 20.30 -10.97
C GLN A 15 2.12 21.34 -11.93
N VAL A 16 2.86 22.29 -11.37
CA VAL A 16 3.50 23.33 -12.15
C VAL A 16 4.75 23.80 -11.41
N ILE A 17 5.81 24.07 -12.16
CA ILE A 17 7.00 24.67 -11.58
C ILE A 17 6.64 26.08 -11.09
N ILE A 18 6.99 26.39 -9.86
CA ILE A 18 6.69 27.72 -9.31
C ILE A 18 7.51 28.75 -10.05
N PRO A 19 6.90 29.82 -10.58
CA PRO A 19 7.66 30.82 -11.31
C PRO A 19 8.56 31.63 -10.40
N GLU A 20 9.50 32.35 -11.02
CA GLU A 20 10.36 33.31 -10.36
C GLU A 20 11.28 32.66 -9.32
N GLN A 21 11.75 31.44 -9.58
CA GLN A 21 12.63 30.75 -8.65
C GLN A 21 14.09 31.02 -8.98
N ASN A 22 14.89 31.32 -7.94
CA ASN A 22 16.34 31.42 -8.06
C ASN A 22 16.92 30.03 -7.82
N ILE A 23 17.11 29.29 -8.90
CA ILE A 23 17.73 27.98 -8.85
C ILE A 23 18.76 27.87 -9.96
N ARG A 24 19.87 27.21 -9.67
CA ARG A 24 20.94 26.97 -10.63
C ARG A 24 20.54 25.82 -11.55
N GLY A 25 21.37 25.57 -12.57
CA GLY A 25 21.00 24.62 -13.60
C GLY A 25 20.94 23.18 -13.14
N ASN A 26 21.72 22.83 -12.12
CA ASN A 26 21.79 21.46 -11.62
C ASN A 26 20.89 21.22 -10.42
N GLU A 27 19.97 22.14 -10.13
CA GLU A 27 19.20 22.13 -8.89
C GLU A 27 17.72 21.96 -9.21
N LEU A 28 16.97 21.40 -8.26
CA LEU A 28 15.61 20.99 -8.59
C LEU A 28 14.64 22.15 -8.40
N PRO A 29 13.71 22.32 -9.34
CA PRO A 29 12.65 23.32 -9.16
C PRO A 29 11.60 22.84 -8.17
N LEU A 30 11.11 23.76 -7.36
CA LEU A 30 9.97 23.48 -6.52
C LEU A 30 8.69 23.59 -7.33
N ARG A 31 7.76 22.67 -7.11
CA ARG A 31 6.51 22.63 -7.85
C ARG A 31 5.33 22.65 -6.90
N ARG A 32 4.31 23.41 -7.27
CA ARG A 32 3.02 23.35 -6.59
C ARG A 32 2.20 22.26 -7.27
N TRP A 33 1.92 21.19 -6.54
CA TRP A 33 1.08 20.12 -7.05
C TRP A 33 -0.16 19.98 -6.18
N GLN A 34 -1.15 19.28 -6.73
CA GLN A 34 -2.43 19.13 -6.06
C GLN A 34 -3.09 17.85 -6.54
N MET A 35 -3.88 17.24 -5.68
CA MET A 35 -4.59 16.01 -5.98
C MET A 35 -6.00 16.11 -5.42
N GLU A 36 -6.96 15.55 -6.15
CA GLU A 36 -8.32 15.45 -5.66
C GLU A 36 -8.92 14.12 -6.07
N LEU A 37 -9.67 13.52 -5.16
CA LEU A 37 -10.33 12.24 -5.39
C LEU A 37 -11.79 12.48 -5.76
N LEU A 38 -12.17 12.04 -6.94
CA LEU A 38 -13.54 12.12 -7.41
C LEU A 38 -14.12 10.73 -7.55
N MET A 39 -15.38 10.66 -7.96
CA MET A 39 -16.08 9.42 -8.22
C MET A 39 -16.69 9.48 -9.61
N LEU A 40 -16.75 8.34 -10.27
CA LEU A 40 -17.44 8.20 -11.54
C LEU A 40 -18.80 7.57 -11.29
N ASP A 41 -19.86 8.22 -11.79
CA ASP A 41 -21.20 7.69 -11.63
C ASP A 41 -21.43 6.58 -12.65
N ALA A 42 -22.68 6.13 -12.78
CA ALA A 42 -22.99 5.03 -13.68
C ALA A 42 -22.80 5.40 -15.15
N THR A 43 -22.75 6.69 -15.47
CA THR A 43 -22.61 7.15 -16.85
C THR A 43 -21.16 7.27 -17.29
N GLY A 44 -20.23 7.30 -16.34
CA GLY A 44 -18.87 7.68 -16.60
C GLY A 44 -18.52 9.10 -16.19
N LYS A 45 -19.43 9.80 -15.52
CA LYS A 45 -19.24 11.22 -15.23
C LYS A 45 -18.64 11.43 -13.84
N GLU A 46 -17.81 12.47 -13.73
CA GLU A 46 -17.25 12.85 -12.45
C GLU A 46 -18.34 13.38 -11.52
N VAL A 47 -18.41 12.84 -10.32
CA VAL A 47 -19.34 13.29 -9.29
C VAL A 47 -18.59 13.35 -7.97
N GLU A 48 -19.18 14.05 -7.01
CA GLU A 48 -18.63 14.06 -5.67
C GLU A 48 -18.64 12.64 -5.10
N PRO A 49 -17.55 12.20 -4.48
CA PRO A 49 -17.56 10.86 -3.85
C PRO A 49 -18.25 10.89 -2.48
N THR A 50 -19.57 11.14 -2.52
CA THR A 50 -20.33 11.29 -1.29
C THR A 50 -20.50 9.97 -0.53
N ILE A 51 -20.07 8.85 -1.09
CA ILE A 51 -20.10 7.58 -0.36
C ILE A 51 -18.87 7.39 0.52
N LEU A 52 -17.98 8.37 0.58
CA LEU A 52 -16.81 8.33 1.45
C LEU A 52 -16.99 9.31 2.59
N SER A 53 -16.72 8.86 3.81
CA SER A 53 -16.78 9.73 4.98
C SER A 53 -15.46 10.39 5.30
N LYS A 54 -14.34 9.75 4.93
CA LYS A 54 -13.03 10.23 5.32
C LYS A 54 -12.01 9.77 4.29
N CYS A 55 -11.02 10.63 4.03
CA CYS A 55 -9.96 10.34 3.07
C CYS A 55 -8.64 10.79 3.66
N ILE A 56 -7.61 9.94 3.55
CA ILE A 56 -6.30 10.22 4.12
C ILE A 56 -5.26 10.10 3.02
N TYR A 57 -4.51 11.17 2.79
CA TYR A 57 -3.37 11.17 1.87
C TYR A 57 -2.12 10.91 2.68
N HIS A 58 -1.52 9.72 2.50
CA HIS A 58 -0.29 9.36 3.20
C HIS A 58 0.88 9.87 2.37
N LEU A 59 1.25 11.13 2.59
CA LEU A 59 2.33 11.74 1.84
C LEU A 59 3.67 11.12 2.20
N HIS A 60 4.66 11.37 1.33
CA HIS A 60 6.03 10.96 1.62
C HIS A 60 6.48 11.54 2.95
N SER A 61 7.22 10.73 3.72
CA SER A 61 7.54 11.09 5.09
C SER A 61 8.49 12.28 5.22
N SER A 62 9.03 12.79 4.11
CA SER A 62 9.79 14.04 4.17
C SER A 62 8.90 15.24 4.37
N PHE A 63 7.62 15.12 4.02
CA PHE A 63 6.66 16.15 4.39
C PHE A 63 6.31 16.00 5.86
N LYS A 64 5.86 17.10 6.44
CA LYS A 64 5.52 17.10 7.85
C LYS A 64 4.00 17.19 8.02
N GLN A 65 3.54 16.50 9.08
CA GLN A 65 2.23 15.87 9.20
C GLN A 65 1.91 15.11 7.91
N PRO A 66 2.74 14.14 7.50
CA PRO A 66 2.53 13.51 6.19
C PRO A 66 1.22 12.75 6.08
N LYS A 67 0.65 12.31 7.19
CA LYS A 67 -0.68 11.70 7.20
C LYS A 67 -1.71 12.83 7.20
N ARG A 68 -2.21 13.18 6.02
CA ARG A 68 -3.10 14.32 5.85
C ARG A 68 -4.55 13.81 5.87
N ARG A 69 -5.21 13.99 7.01
CA ARG A 69 -6.59 13.55 7.17
C ARG A 69 -7.56 14.57 6.60
N LEU A 70 -8.47 14.10 5.76
CA LEU A 70 -9.57 14.91 5.24
C LEU A 70 -10.88 14.28 5.71
N ASN A 71 -11.56 14.95 6.64
CA ASN A 71 -12.78 14.43 7.23
C ASN A 71 -14.04 14.84 6.48
N SER A 72 -13.92 15.67 5.44
CA SER A 72 -15.10 16.10 4.71
C SER A 72 -14.73 16.45 3.27
N LEU A 73 -15.72 16.37 2.38
CA LEU A 73 -15.54 16.81 1.01
C LEU A 73 -15.23 18.30 0.97
N PRO A 74 -14.47 18.77 -0.04
CA PRO A 74 -13.87 17.94 -1.09
C PRO A 74 -12.58 17.29 -0.62
N PHE A 75 -12.23 16.16 -1.20
CA PHE A 75 -11.00 15.45 -0.83
C PHE A 75 -9.83 15.95 -1.68
N PHE A 76 -9.56 17.24 -1.49
CA PHE A 76 -8.51 17.97 -2.20
C PHE A 76 -7.33 18.20 -1.29
N ILE A 77 -6.13 18.11 -1.85
CA ILE A 77 -4.89 18.45 -1.17
C ILE A 77 -3.96 19.15 -2.16
N LYS A 78 -3.23 20.16 -1.67
CA LYS A 78 -2.20 20.83 -2.44
C LYS A 78 -0.97 21.00 -1.58
N GLU A 79 0.20 21.04 -2.22
CA GLU A 79 1.45 21.02 -1.50
C GLU A 79 2.56 21.47 -2.43
N THR A 80 3.73 21.73 -1.86
CA THR A 80 4.91 22.18 -2.60
C THR A 80 6.07 21.24 -2.30
N GLY A 81 6.69 20.74 -3.36
CA GLY A 81 7.84 19.86 -3.21
C GLY A 81 8.57 19.72 -4.53
N TRP A 82 9.62 18.90 -4.51
CA TRP A 82 10.42 18.67 -5.70
C TRP A 82 10.37 17.25 -6.23
N GLY A 83 9.88 16.29 -5.45
CA GLY A 83 10.05 14.89 -5.74
C GLY A 83 8.75 14.17 -6.10
N GLU A 84 8.86 13.20 -6.99
CA GLU A 84 7.78 12.28 -7.28
C GLU A 84 7.80 11.14 -6.28
N PHE A 85 6.62 10.62 -5.94
CA PHE A 85 6.54 9.50 -5.01
C PHE A 85 5.20 8.81 -5.14
N ASN A 86 5.16 7.57 -4.65
CA ASN A 86 3.93 6.79 -4.53
C ASN A 86 3.32 7.03 -3.16
N LEU A 87 1.99 7.20 -3.11
CA LEU A 87 1.31 7.49 -1.86
C LEU A 87 0.05 6.65 -1.72
N LYS A 88 -0.20 6.19 -0.50
CA LYS A 88 -1.49 5.62 -0.17
C LYS A 88 -2.56 6.71 -0.04
N ILE A 89 -3.68 6.51 -0.71
CA ILE A 89 -4.88 7.32 -0.47
C ILE A 89 -5.88 6.40 0.23
N GLU A 90 -6.00 6.54 1.54
CA GLU A 90 -6.86 5.68 2.34
C GLU A 90 -8.26 6.29 2.40
N CYS A 91 -9.25 5.55 1.91
CA CYS A 91 -10.61 6.03 1.76
C CYS A 91 -11.55 5.22 2.63
N PHE A 92 -12.42 5.91 3.36
CA PHE A 92 -13.34 5.27 4.30
C PHE A 92 -14.77 5.51 3.85
N PHE A 93 -15.54 4.43 3.75
CA PHE A 93 -16.94 4.55 3.37
C PHE A 93 -17.76 5.20 4.46
N ILE A 94 -18.88 5.81 4.07
CA ILE A 94 -19.86 6.29 5.03
C ILE A 94 -20.57 5.09 5.64
N GLY A 95 -21.28 5.30 6.74
CA GLY A 95 -21.94 4.20 7.40
C GLY A 95 -21.01 3.19 8.03
N ASN A 96 -19.71 3.51 8.12
CA ASN A 96 -18.70 2.60 8.70
C ASN A 96 -18.68 1.27 7.96
N ALA A 97 -18.87 1.32 6.65
CA ALA A 97 -19.01 0.12 5.82
C ALA A 97 -17.67 -0.43 5.33
N GLY A 98 -16.56 0.17 5.74
CA GLY A 98 -15.26 -0.35 5.42
C GLY A 98 -14.37 0.72 4.83
N LYS A 99 -13.32 0.27 4.16
CA LYS A 99 -12.29 1.17 3.67
C LYS A 99 -11.55 0.46 2.55
N PHE A 100 -10.85 1.24 1.73
CA PHE A 100 -9.96 0.71 0.70
C PHE A 100 -8.80 1.69 0.55
N SER A 101 -7.76 1.25 -0.15
CA SER A 101 -6.56 2.05 -0.34
C SER A 101 -6.27 2.16 -1.82
N ILE A 102 -5.97 3.37 -2.27
CA ILE A 102 -5.49 3.63 -3.63
C ILE A 102 -4.02 3.96 -3.55
N GLU A 103 -3.20 3.19 -4.27
CA GLU A 103 -1.78 3.49 -4.39
C GLU A 103 -1.58 4.33 -5.65
N HIS A 104 -1.33 5.62 -5.45
CA HIS A 104 -1.27 6.59 -6.54
C HIS A 104 0.16 7.07 -6.71
N ASP A 105 0.60 7.17 -7.96
CA ASP A 105 1.92 7.69 -8.29
C ASP A 105 1.80 9.17 -8.63
N LEU A 106 2.44 10.01 -7.83
CA LEU A 106 2.52 11.45 -8.10
C LEU A 106 3.71 11.67 -9.02
N THR A 107 3.44 12.07 -10.26
CA THR A 107 4.48 12.27 -11.27
C THR A 107 4.38 13.68 -11.85
N PHE A 108 5.49 14.13 -12.42
CA PHE A 108 5.62 15.48 -12.95
C PHE A 108 5.85 15.47 -14.46
N GLU A 109 5.32 14.47 -15.15
CA GLU A 109 5.53 14.38 -16.59
C GLU A 109 4.55 15.26 -17.37
N ASP A 110 3.33 15.43 -16.87
CA ASP A 110 2.33 16.27 -17.52
C ASP A 110 1.93 17.42 -16.60
N ASP A 111 1.27 18.42 -17.20
CA ASP A 111 0.70 19.49 -16.38
C ASP A 111 -0.47 18.97 -15.56
N ALA A 112 -1.27 18.08 -16.14
CA ALA A 112 -2.42 17.51 -15.46
C ALA A 112 -2.69 16.12 -16.02
N TYR A 113 -3.04 15.18 -15.15
CA TYR A 113 -3.38 13.83 -15.56
C TYR A 113 -4.39 13.26 -14.58
N ALA A 114 -5.17 12.29 -15.06
CA ALA A 114 -6.16 11.60 -14.24
C ALA A 114 -5.91 10.10 -14.32
N VAL A 115 -6.08 9.42 -13.18
CA VAL A 115 -5.90 7.98 -13.09
C VAL A 115 -7.15 7.40 -12.41
N ASP A 116 -7.70 6.35 -13.01
CA ASP A 116 -8.93 5.73 -12.52
C ASP A 116 -8.60 4.45 -11.76
N TYR A 117 -9.36 4.18 -10.70
CA TYR A 117 -9.17 3.00 -9.88
C TYR A 117 -10.53 2.37 -9.58
N THR A 118 -10.59 1.04 -9.72
CA THR A 118 -11.81 0.29 -9.51
C THR A 118 -11.80 -0.34 -8.11
N VAL A 119 -12.92 -0.18 -7.40
CA VAL A 119 -13.08 -0.67 -6.03
C VAL A 119 -14.37 -1.45 -5.92
N ASP A 120 -14.38 -2.43 -5.01
CA ASP A 120 -15.59 -3.17 -4.67
C ASP A 120 -16.26 -2.47 -3.50
N VAL A 121 -17.46 -1.92 -3.74
CA VAL A 121 -18.20 -1.16 -2.75
C VAL A 121 -19.36 -2.06 -2.23
N PRO A 122 -19.39 -2.38 -0.96
CA PRO A 122 -20.49 -3.23 -0.46
C PRO A 122 -21.84 -2.53 -0.61
N HIS A 123 -22.85 -3.32 -0.99
CA HIS A 123 -24.21 -2.80 -1.18
C HIS A 123 -25.21 -3.42 -0.22
N GLU A 124 -24.75 -4.00 0.89
CA GLU A 124 -25.65 -4.65 1.84
C GLU A 124 -26.14 -3.72 2.94
N PHE A 125 -25.36 -2.71 3.30
CA PHE A 125 -25.66 -1.88 4.45
C PHE A 125 -26.55 -0.70 4.06
N SER A 126 -27.50 -0.37 4.95
CA SER A 126 -28.58 0.54 4.60
C SER A 126 -28.08 1.96 4.36
N HIS A 127 -27.28 2.49 5.27
CA HIS A 127 -26.91 3.91 5.18
C HIS A 127 -26.04 4.18 3.97
N LEU A 128 -25.05 3.31 3.71
CA LEU A 128 -24.25 3.45 2.50
C LEU A 128 -25.11 3.26 1.26
N ASN A 129 -26.14 2.40 1.34
CA ASN A 129 -26.95 2.10 0.17
C ASN A 129 -27.75 3.31 -0.29
N SER A 130 -28.36 4.03 0.65
CA SER A 130 -29.16 5.19 0.28
C SER A 130 -28.35 6.22 -0.51
N GLU A 131 -27.05 6.31 -0.23
CA GLU A 131 -26.19 7.20 -1.01
C GLU A 131 -25.77 6.56 -2.33
N LEU A 132 -25.38 5.28 -2.29
CA LEU A 132 -25.00 4.57 -3.51
C LEU A 132 -26.14 4.60 -4.53
N SER A 133 -27.37 4.35 -4.07
CA SER A 133 -28.52 4.25 -4.97
C SER A 133 -28.83 5.56 -5.69
N LYS A 134 -28.17 6.66 -5.32
CA LYS A 134 -28.31 7.90 -6.07
C LYS A 134 -27.49 7.89 -7.36
N TYR A 135 -26.53 6.97 -7.47
CA TYR A 135 -25.66 6.89 -8.64
C TYR A 135 -25.73 5.56 -9.38
N PHE A 136 -26.06 4.47 -8.69
CA PHE A 136 -26.01 3.14 -9.28
C PHE A 136 -27.29 2.37 -8.99
N ASP A 137 -27.59 1.40 -9.84
CA ASP A 137 -28.67 0.45 -9.60
C ASP A 137 -28.14 -0.70 -8.76
N LEU A 138 -28.72 -0.89 -7.58
CA LEU A 138 -28.28 -1.96 -6.70
C LEU A 138 -29.26 -3.13 -6.74
N PRO A 139 -28.77 -4.37 -6.53
CA PRO A 139 -29.63 -5.55 -6.50
C PRO A 139 -30.59 -5.55 -5.32
N SER B 4 -10.94 -9.44 13.98
CA SER B 4 -9.84 -9.44 13.02
C SER B 4 -9.10 -8.10 13.03
N ILE B 5 -7.79 -8.17 13.23
CA ILE B 5 -6.95 -6.98 13.24
C ILE B 5 -5.94 -7.09 12.11
N GLU B 6 -5.35 -5.95 11.74
CA GLU B 6 -4.43 -5.85 10.63
C GLU B 6 -2.99 -5.93 11.12
N VAL B 7 -2.21 -6.84 10.54
CA VAL B 7 -0.80 -6.98 10.81
C VAL B 7 -0.04 -6.88 9.49
N THR B 8 1.04 -6.11 9.49
CA THR B 8 1.84 -5.88 8.29
C THR B 8 3.03 -6.84 8.29
N PHE B 9 3.10 -7.69 7.27
CA PHE B 9 4.25 -8.57 7.05
C PHE B 9 5.14 -7.96 5.98
N ARG B 10 6.45 -7.97 6.24
CA ARG B 10 7.42 -7.32 5.37
C ARG B 10 8.47 -8.32 4.93
N VAL B 11 8.68 -8.43 3.63
CA VAL B 11 9.72 -9.28 3.05
C VAL B 11 10.89 -8.40 2.67
N LYS B 12 12.07 -8.70 3.22
CA LYS B 12 13.30 -7.97 2.93
C LYS B 12 14.19 -8.84 2.06
N THR B 13 14.49 -8.37 0.85
CA THR B 13 15.30 -9.12 -0.10
C THR B 13 16.59 -8.36 -0.37
N GLN B 14 17.70 -9.09 -0.36
CA GLN B 14 19.03 -8.54 -0.60
C GLN B 14 19.69 -9.32 -1.73
N GLN B 15 20.72 -8.73 -2.32
CA GLN B 15 21.47 -9.38 -3.39
C GLN B 15 22.74 -8.58 -3.68
N VAL B 16 23.78 -9.30 -4.08
CA VAL B 16 25.03 -8.67 -4.50
C VAL B 16 25.58 -9.37 -5.73
N ARG B 31 24.15 -14.60 -8.09
CA ARG B 31 23.88 -13.55 -7.12
C ARG B 31 23.48 -14.18 -5.80
N ARG B 32 24.29 -13.96 -4.77
CA ARG B 32 23.93 -14.40 -3.43
C ARG B 32 22.77 -13.55 -2.92
N TRP B 33 21.53 -14.00 -3.13
CA TRP B 33 20.36 -13.26 -2.68
C TRP B 33 19.83 -13.86 -1.39
N GLN B 34 19.33 -12.98 -0.53
CA GLN B 34 18.76 -13.34 0.76
C GLN B 34 17.35 -12.79 0.85
N MET B 35 16.50 -13.55 1.53
CA MET B 35 15.16 -13.11 1.89
C MET B 35 14.92 -13.42 3.35
N GLU B 36 14.04 -12.63 3.96
CA GLU B 36 13.70 -12.83 5.36
C GLU B 36 12.35 -12.21 5.63
N LEU B 37 11.37 -13.05 5.96
CA LEU B 37 10.02 -12.58 6.28
C LEU B 37 9.98 -12.04 7.71
N LEU B 38 9.69 -10.75 7.85
CA LEU B 38 9.50 -10.10 9.14
C LEU B 38 8.08 -9.55 9.25
N MET B 39 7.79 -8.96 10.41
CA MET B 39 6.50 -8.34 10.66
C MET B 39 6.72 -7.04 11.44
N LEU B 40 5.77 -6.14 11.30
CA LEU B 40 5.84 -4.82 11.93
C LEU B 40 5.00 -4.83 13.20
N ASP B 41 5.57 -4.34 14.29
CA ASP B 41 4.87 -4.30 15.57
C ASP B 41 4.03 -3.02 15.64
N ALA B 42 3.59 -2.65 16.85
CA ALA B 42 2.69 -1.51 16.99
C ALA B 42 3.37 -0.20 16.61
N THR B 43 4.66 -0.08 16.92
CA THR B 43 5.39 1.13 16.59
C THR B 43 5.90 1.16 15.17
N GLY B 44 5.77 0.07 14.43
CA GLY B 44 6.33 -0.02 13.09
C GLY B 44 7.76 -0.53 13.04
N LYS B 45 8.30 -1.00 14.16
CA LYS B 45 9.63 -1.59 14.16
C LYS B 45 9.57 -3.01 13.58
N GLU B 46 10.56 -3.35 12.77
CA GLU B 46 10.66 -4.70 12.23
C GLU B 46 10.98 -5.68 13.35
N VAL B 47 10.13 -6.70 13.50
CA VAL B 47 10.35 -7.77 14.46
C VAL B 47 10.10 -9.10 13.78
N GLU B 48 10.65 -10.15 14.36
CA GLU B 48 10.46 -11.49 13.82
C GLU B 48 8.99 -11.90 13.94
N PRO B 49 8.43 -12.55 12.91
CA PRO B 49 7.01 -12.92 12.97
C PRO B 49 6.76 -14.08 13.92
N THR B 50 6.77 -13.78 15.23
CA THR B 50 6.59 -14.79 16.26
C THR B 50 5.14 -15.26 16.40
N ILE B 51 4.25 -14.77 15.53
CA ILE B 51 2.87 -15.25 15.50
C ILE B 51 2.66 -16.35 14.48
N LEU B 52 3.74 -16.89 13.92
CA LEU B 52 3.68 -17.87 12.85
C LEU B 52 4.32 -19.18 13.31
N SER B 53 3.69 -20.30 12.95
CA SER B 53 4.28 -21.61 13.24
C SER B 53 5.43 -21.90 12.27
N LYS B 54 5.10 -22.07 11.00
CA LYS B 54 6.08 -22.38 9.96
C LYS B 54 6.04 -21.31 8.87
N CYS B 55 7.06 -21.35 8.02
CA CYS B 55 7.17 -20.42 6.90
C CYS B 55 7.92 -21.14 5.79
N ILE B 56 7.20 -21.60 4.78
CA ILE B 56 7.79 -22.31 3.66
C ILE B 56 7.98 -21.33 2.52
N TYR B 57 9.17 -21.33 1.92
CA TYR B 57 9.49 -20.53 0.75
C TYR B 57 9.41 -21.45 -0.48
N HIS B 58 8.52 -21.13 -1.41
CA HIS B 58 8.20 -22.01 -2.55
C HIS B 58 9.02 -21.58 -3.76
N LEU B 59 10.29 -21.99 -3.77
CA LEU B 59 11.25 -21.54 -4.77
C LEU B 59 10.85 -22.02 -6.17
N HIS B 60 11.58 -21.52 -7.16
CA HIS B 60 11.34 -21.95 -8.53
C HIS B 60 11.81 -23.38 -8.73
N SER B 61 11.20 -24.06 -9.71
CA SER B 61 11.40 -25.49 -9.88
C SER B 61 12.85 -25.84 -10.21
N SER B 62 13.57 -24.92 -10.86
CA SER B 62 14.93 -25.23 -11.31
C SER B 62 15.89 -25.41 -10.14
N PHE B 63 15.59 -24.79 -8.99
CA PHE B 63 16.35 -25.10 -7.77
C PHE B 63 16.03 -26.52 -7.32
N LYS B 64 17.00 -27.16 -6.72
CA LYS B 64 16.77 -28.45 -6.09
C LYS B 64 16.08 -28.27 -4.75
N GLN B 65 15.22 -29.23 -4.40
CA GLN B 65 14.32 -29.16 -3.25
C GLN B 65 13.67 -27.78 -3.20
N PRO B 66 12.74 -27.47 -4.10
CA PRO B 66 12.18 -26.11 -4.15
C PRO B 66 11.50 -25.69 -2.87
N LYS B 67 10.73 -26.59 -2.26
CA LYS B 67 10.02 -26.25 -1.02
C LYS B 67 11.00 -26.20 0.15
N ARG B 68 11.18 -25.00 0.72
CA ARG B 68 12.12 -24.77 1.81
C ARG B 68 11.34 -24.52 3.09
N ARG B 69 11.15 -25.57 3.88
CA ARG B 69 10.40 -25.46 5.14
C ARG B 69 11.33 -24.98 6.24
N LEU B 70 10.97 -23.86 6.86
CA LEU B 70 11.74 -23.27 7.97
C LEU B 70 10.88 -23.34 9.22
N ASN B 71 11.17 -24.30 10.10
CA ASN B 71 10.32 -24.57 11.25
C ASN B 71 10.48 -23.57 12.38
N SER B 72 11.61 -22.87 12.45
CA SER B 72 11.87 -21.95 13.55
C SER B 72 12.44 -20.64 13.02
N LEU B 73 12.35 -19.61 13.86
CA LEU B 73 12.83 -18.27 13.55
C LEU B 73 14.35 -18.20 13.67
N PRO B 74 15.00 -17.26 12.96
CA PRO B 74 14.43 -16.39 11.93
C PRO B 74 14.06 -17.09 10.62
N PHE B 75 12.99 -16.62 9.96
CA PHE B 75 12.58 -17.13 8.65
C PHE B 75 13.43 -16.48 7.57
N PHE B 76 14.67 -16.94 7.46
CA PHE B 76 15.70 -16.26 6.68
C PHE B 76 16.46 -17.29 5.85
N ILE B 77 16.51 -17.05 4.54
CA ILE B 77 17.11 -17.98 3.59
C ILE B 77 18.31 -17.31 2.92
N LYS B 78 19.36 -18.10 2.69
CA LYS B 78 20.46 -17.74 1.82
C LYS B 78 20.47 -18.66 0.60
N GLU B 79 20.61 -18.09 -0.60
CA GLU B 79 20.62 -18.82 -1.86
C GLU B 79 21.31 -18.02 -2.96
N THR B 80 21.90 -18.76 -3.90
CA THR B 80 22.52 -18.22 -5.11
C THR B 80 21.69 -18.59 -6.33
N GLY B 81 21.50 -17.61 -7.23
CA GLY B 81 20.80 -17.86 -8.47
C GLY B 81 21.15 -16.83 -9.54
N TRP B 82 20.43 -16.90 -10.66
CA TRP B 82 20.63 -15.97 -11.77
C TRP B 82 19.34 -15.35 -12.30
N GLY B 83 18.19 -15.95 -12.05
CA GLY B 83 16.94 -15.48 -12.60
C GLY B 83 16.05 -14.80 -11.57
N GLU B 84 15.04 -14.10 -12.08
CA GLU B 84 14.09 -13.34 -11.26
C GLU B 84 12.72 -13.99 -11.40
N PHE B 85 12.20 -14.50 -10.29
CA PHE B 85 10.97 -15.29 -10.28
C PHE B 85 10.01 -14.76 -9.24
N ASN B 86 8.76 -15.22 -9.33
CA ASN B 86 7.75 -14.96 -8.31
C ASN B 86 7.74 -16.11 -7.30
N LEU B 87 7.53 -15.78 -6.04
CA LEU B 87 7.81 -16.72 -4.96
C LEU B 87 6.68 -16.73 -3.94
N LYS B 88 6.16 -17.93 -3.66
CA LYS B 88 5.15 -18.11 -2.62
C LYS B 88 5.83 -18.19 -1.25
N ILE B 89 5.38 -17.36 -0.32
CA ILE B 89 5.84 -17.41 1.07
C ILE B 89 4.64 -17.83 1.91
N GLU B 90 4.49 -19.14 2.09
CA GLU B 90 3.36 -19.72 2.81
C GLU B 90 3.61 -19.59 4.31
N CYS B 91 2.61 -19.09 5.03
CA CYS B 91 2.73 -18.77 6.44
C CYS B 91 1.58 -19.36 7.23
N PHE B 92 1.90 -20.21 8.21
CA PHE B 92 0.93 -20.83 9.09
C PHE B 92 0.88 -20.07 10.42
N PHE B 93 -0.33 -19.80 10.90
CA PHE B 93 -0.48 -19.19 12.21
C PHE B 93 -0.35 -20.24 13.31
N ILE B 94 0.05 -19.77 14.49
CA ILE B 94 0.23 -20.68 15.61
C ILE B 94 -1.14 -21.17 16.09
N GLY B 95 -1.14 -22.37 16.67
CA GLY B 95 -2.38 -22.99 17.12
C GLY B 95 -3.35 -23.37 16.03
N ASN B 96 -2.86 -23.60 14.81
CA ASN B 96 -3.68 -23.95 13.65
C ASN B 96 -4.80 -22.94 13.45
N ALA B 97 -4.42 -21.66 13.41
CA ALA B 97 -5.39 -20.59 13.28
C ALA B 97 -5.72 -20.25 11.82
N GLY B 98 -4.96 -20.76 10.86
CA GLY B 98 -5.26 -20.56 9.46
C GLY B 98 -4.00 -20.36 8.65
N LYS B 99 -4.20 -20.02 7.39
CA LYS B 99 -3.13 -19.84 6.42
C LYS B 99 -3.25 -18.47 5.77
N PHE B 100 -2.19 -18.10 5.04
CA PHE B 100 -2.20 -17.00 4.10
C PHE B 100 -0.92 -17.07 3.29
N SER B 101 -0.97 -16.53 2.07
CA SER B 101 0.14 -16.59 1.14
C SER B 101 0.55 -15.19 0.69
N ILE B 102 1.85 -14.96 0.63
CA ILE B 102 2.42 -13.70 0.17
C ILE B 102 3.02 -13.94 -1.21
N GLU B 103 2.72 -13.06 -2.16
CA GLU B 103 3.24 -13.15 -3.52
C GLU B 103 4.36 -12.12 -3.66
N HIS B 104 5.60 -12.58 -3.48
CA HIS B 104 6.76 -11.70 -3.50
C HIS B 104 7.57 -11.95 -4.77
N ASP B 105 7.86 -10.87 -5.49
CA ASP B 105 8.66 -10.95 -6.71
C ASP B 105 10.12 -10.67 -6.37
N LEU B 106 11.01 -11.54 -6.83
CA LEU B 106 12.45 -11.36 -6.65
C LEU B 106 13.00 -10.57 -7.82
N THR B 107 13.71 -9.49 -7.51
CA THR B 107 14.30 -8.62 -8.51
C THR B 107 15.74 -8.30 -8.12
N PHE B 108 16.54 -7.90 -9.13
CA PHE B 108 17.97 -7.77 -8.97
C PHE B 108 18.53 -6.38 -9.23
N GLU B 109 17.70 -5.40 -9.61
CA GLU B 109 18.23 -4.09 -9.92
C GLU B 109 18.39 -3.20 -8.69
N ASP B 110 18.07 -3.71 -7.50
CA ASP B 110 18.39 -3.05 -6.25
C ASP B 110 19.19 -4.01 -5.38
N ASP B 111 20.28 -3.53 -4.79
CA ASP B 111 21.03 -4.35 -3.85
C ASP B 111 20.18 -4.79 -2.67
N ALA B 112 19.14 -4.03 -2.34
CA ALA B 112 18.22 -4.42 -1.27
C ALA B 112 16.95 -3.59 -1.37
N TYR B 113 15.87 -4.16 -0.87
CA TYR B 113 14.57 -3.54 -0.87
C TYR B 113 13.68 -4.25 0.14
N ALA B 114 12.57 -3.62 0.48
CA ALA B 114 11.58 -4.22 1.38
C ALA B 114 10.19 -3.94 0.82
N VAL B 115 9.28 -4.88 1.04
CA VAL B 115 7.91 -4.76 0.56
C VAL B 115 6.96 -5.21 1.66
N ASP B 116 5.97 -4.38 1.96
CA ASP B 116 5.01 -4.69 3.01
C ASP B 116 3.81 -5.44 2.44
N TYR B 117 3.14 -6.19 3.31
CA TYR B 117 1.96 -6.96 2.95
C TYR B 117 1.01 -6.97 4.14
N THR B 118 -0.16 -6.38 3.96
CA THR B 118 -1.15 -6.25 5.04
C THR B 118 -2.05 -7.48 5.06
N VAL B 119 -2.08 -8.16 6.19
CA VAL B 119 -2.74 -9.45 6.33
C VAL B 119 -3.83 -9.36 7.38
N ASP B 120 -4.98 -9.98 7.12
CA ASP B 120 -6.03 -10.12 8.12
C ASP B 120 -5.71 -11.32 9.01
N VAL B 121 -5.60 -11.09 10.31
CA VAL B 121 -5.24 -12.11 11.29
C VAL B 121 -6.50 -12.46 12.10
N PRO B 122 -6.79 -13.75 12.29
CA PRO B 122 -8.00 -14.10 13.06
C PRO B 122 -7.88 -13.66 14.51
N HIS B 123 -9.00 -13.15 15.05
CA HIS B 123 -9.07 -12.72 16.44
C HIS B 123 -9.94 -13.64 17.28
N GLU B 124 -10.09 -14.90 16.87
CA GLU B 124 -10.96 -15.85 17.56
C GLU B 124 -10.25 -17.19 17.80
N PHE B 125 -8.93 -17.15 17.91
CA PHE B 125 -8.12 -18.31 18.30
C PHE B 125 -7.32 -17.93 19.54
N SER B 126 -7.63 -18.55 20.67
CA SER B 126 -7.09 -18.11 21.95
C SER B 126 -5.58 -18.25 22.01
N HIS B 127 -5.03 -19.32 21.41
CA HIS B 127 -3.58 -19.49 21.43
C HIS B 127 -2.89 -18.47 20.55
N LEU B 128 -3.49 -18.11 19.41
CA LEU B 128 -2.86 -17.13 18.54
C LEU B 128 -2.94 -15.72 19.11
N ASN B 129 -4.01 -15.39 19.83
CA ASN B 129 -4.11 -14.03 20.31
C ASN B 129 -3.23 -13.82 21.53
N SER B 130 -2.80 -14.92 22.18
CA SER B 130 -1.89 -14.78 23.31
C SER B 130 -0.57 -14.18 22.86
N GLU B 131 -0.07 -14.61 21.70
CA GLU B 131 1.16 -14.05 21.16
C GLU B 131 0.90 -12.73 20.44
N LEU B 132 -0.22 -12.65 19.70
CA LEU B 132 -0.68 -11.36 19.18
C LEU B 132 -0.75 -10.28 20.26
N SER B 133 -1.19 -10.63 21.47
CA SER B 133 -1.37 -9.61 22.49
C SER B 133 -0.06 -9.04 22.98
N LYS B 134 1.05 -9.78 22.84
CA LYS B 134 2.35 -9.22 23.20
C LYS B 134 2.65 -7.96 22.41
N TYR B 135 2.09 -7.83 21.21
CA TYR B 135 2.43 -6.69 20.39
C TYR B 135 1.28 -5.71 20.19
N PHE B 136 0.02 -6.14 19.99
CA PHE B 136 -0.96 -5.11 19.68
C PHE B 136 -2.16 -5.33 20.59
N ASP B 137 -3.02 -4.32 20.69
CA ASP B 137 -4.27 -4.44 21.45
C ASP B 137 -5.38 -5.07 20.61
N LEU B 138 -6.24 -5.85 21.27
CA LEU B 138 -7.18 -6.68 20.54
C LEU B 138 -8.63 -6.24 20.77
N PRO B 139 -9.53 -6.49 19.80
CA PRO B 139 -10.91 -6.00 19.84
C PRO B 139 -11.78 -6.71 20.86
N LYS C 1 8.93 4.11 12.80
CA LYS C 1 8.53 3.21 11.72
C LYS C 1 9.62 3.06 10.67
N GLN C 2 9.99 1.82 10.39
CA GLN C 2 10.88 1.51 9.28
C GLN C 2 10.03 1.33 8.01
N LEU C 3 10.41 2.02 6.95
CA LEU C 3 9.58 2.09 5.75
C LEU C 3 9.88 0.96 4.77
N ALA C 4 8.84 0.49 4.11
CA ALA C 4 9.01 -0.35 2.94
C ALA C 4 9.46 0.51 1.76
N SER C 5 9.95 -0.16 0.71
CA SER C 5 10.64 0.55 -0.37
C SER C 5 9.69 1.47 -1.13
N LYS C 6 8.47 1.02 -1.41
CA LYS C 6 7.57 1.79 -2.27
C LYS C 6 7.26 3.15 -1.66
N ALA C 7 6.92 3.18 -0.36
CA ALA C 7 6.64 4.45 0.29
C ALA C 7 7.91 5.25 0.56
N ALA C 8 9.07 4.61 0.53
CA ALA C 8 10.31 5.28 0.91
C ALA C 8 10.88 6.13 -0.21
N ARG C 9 10.61 5.79 -1.47
CA ARG C 9 11.24 6.48 -2.58
C ARG C 9 10.67 7.87 -2.88
N SER C 11 11.63 10.73 -6.01
CA SER C 11 12.44 10.83 -7.21
C SER C 11 12.25 12.16 -7.93
N ALA C 12 13.32 12.61 -8.58
CA ALA C 12 13.33 13.88 -9.28
C ALA C 12 13.36 13.65 -10.78
N PRO C 13 12.46 14.28 -11.54
CA PRO C 13 12.47 14.09 -13.00
C PRO C 13 13.50 14.93 -13.73
N SER C 14 13.65 16.20 -13.35
CA SER C 14 14.56 17.09 -14.08
C SER C 14 15.02 18.22 -13.16
N THR C 15 16.20 18.74 -13.47
CA THR C 15 16.74 19.91 -12.80
C THR C 15 16.54 21.16 -13.67
N GLY C 16 16.63 22.32 -13.03
CA GLY C 16 16.42 23.58 -13.71
C GLY C 16 14.95 23.95 -13.77
N GLY C 17 14.69 25.25 -13.96
CA GLY C 17 13.34 25.76 -14.02
C GLY C 17 12.72 25.63 -15.39
N VAL C 18 13.21 24.68 -16.19
CA VAL C 18 12.77 24.47 -17.56
C VAL C 18 11.78 23.32 -17.60
N LYS C 19 10.62 23.55 -18.21
CA LYS C 19 9.66 22.47 -18.39
C LYS C 19 10.03 21.67 -19.64
N TYR C 20 10.32 20.39 -19.44
CA TYR C 20 10.71 19.52 -20.54
C TYR C 20 9.47 18.84 -21.14
#